data_2SNI
#
_entry.id   2SNI
#
_cell.length_a   103.190
_cell.length_b   56.830
_cell.length_c   68.740
_cell.angle_alpha   90.00
_cell.angle_beta   127.47
_cell.angle_gamma   90.00
#
_symmetry.space_group_name_H-M   'C 1 2 1'
#
loop_
_entity.id
_entity.type
_entity.pdbx_description
1 polymer 'SUBTILISIN NOVO'
2 polymer 'CHYMOTRYPSIN INHIBITOR 2'
3 non-polymer 'CALCIUM ION'
4 water water
#
loop_
_entity_poly.entity_id
_entity_poly.type
_entity_poly.pdbx_seq_one_letter_code
_entity_poly.pdbx_strand_id
1 'polypeptide(L)'
;AQSVPYGVSQIKAPALHSQGYTGSNVKVAVIDSGIDSSHPDLKVAGGASMVPSETNPFQDNNSHGTHVAGTVAALNNSIG
VLGVAPSASLYAVKVLGADGSGQYSWIINGIEWAIANNMDVINMSLGGPSGSAALKAAVDKAVASGVVVVAAAGNEGTSG
SSSTVGYPGKYPSVIAVGAVDSSNQRASFSSVGPELDVMAPGVSIQSTLPGNKYGAYNGTSMASPHVAGAAALILSKHPN
WTNTQVRSSLQNTTTKLGDSFYYGKGLINVQAAAQ
;
E
2 'polypeptide(L)'
;SSVEKKPEGVNTGAGDRHNLKTEWPELVGKSVEEAKKVILQDKPEAQIIVLPVGTIVTMEYRIDRVRLFVDKLDNIAEVP
RVG
;
I
#
loop_
_chem_comp.id
_chem_comp.type
_chem_comp.name
_chem_comp.formula
CA non-polymer 'CALCIUM ION' 'Ca 2'
#
# COMPACT_ATOMS: atom_id res chain seq x y z
N ALA A 1 -21.38 10.37 -13.97
CA ALA A 1 -21.81 10.08 -12.60
C ALA A 1 -20.62 9.58 -11.78
N GLN A 2 -20.88 9.38 -10.50
CA GLN A 2 -19.89 8.90 -9.53
C GLN A 2 -20.19 7.44 -9.20
N SER A 3 -19.13 6.69 -9.01
CA SER A 3 -19.25 5.26 -8.65
C SER A 3 -18.53 5.03 -7.32
N VAL A 4 -19.13 4.18 -6.50
CA VAL A 4 -18.51 3.81 -5.22
C VAL A 4 -17.87 2.43 -5.41
N PRO A 5 -16.55 2.41 -5.45
CA PRO A 5 -15.83 1.13 -5.60
C PRO A 5 -16.36 0.20 -4.53
N TYR A 6 -16.39 -1.08 -4.82
CA TYR A 6 -16.96 -2.08 -3.89
C TYR A 6 -16.22 -2.13 -2.56
N GLY A 7 -14.91 -1.97 -2.61
CA GLY A 7 -14.06 -2.01 -1.42
C GLY A 7 -14.57 -0.99 -0.40
N VAL A 8 -14.97 0.17 -0.92
CA VAL A 8 -15.42 1.28 -0.07
C VAL A 8 -16.65 0.91 0.74
N SER A 9 -17.57 0.22 0.06
CA SER A 9 -18.82 -0.17 0.74
C SER A 9 -18.63 -1.45 1.51
N GLN A 10 -17.68 -2.25 1.09
CA GLN A 10 -17.39 -3.54 1.75
C GLN A 10 -16.94 -3.35 3.21
N ILE A 11 -16.21 -2.28 3.47
CA ILE A 11 -15.73 -1.96 4.83
C ILE A 11 -16.68 -1.06 5.63
N LYS A 12 -17.78 -0.69 5.00
CA LYS A 12 -18.85 0.09 5.62
C LYS A 12 -18.60 1.58 5.83
N ALA A 13 -17.75 2.16 4.99
CA ALA A 13 -17.44 3.60 5.09
C ALA A 13 -18.67 4.48 4.91
N PRO A 14 -19.50 4.14 3.93
CA PRO A 14 -20.70 4.91 3.58
C PRO A 14 -21.64 5.14 4.77
N ALA A 15 -21.71 4.16 5.65
CA ALA A 15 -22.55 4.29 6.85
C ALA A 15 -22.05 5.49 7.66
N LEU A 16 -20.74 5.74 7.60
CA LEU A 16 -20.14 6.86 8.32
C LEU A 16 -20.33 8.19 7.62
N HIS A 17 -20.17 8.18 6.31
CA HIS A 17 -20.37 9.40 5.51
C HIS A 17 -21.77 9.96 5.76
N SER A 18 -22.71 9.04 5.81
CA SER A 18 -24.13 9.40 5.98
C SER A 18 -24.39 10.03 7.34
N GLN A 19 -23.59 9.70 8.35
CA GLN A 19 -23.70 10.29 9.69
C GLN A 19 -22.93 11.62 9.72
N GLY A 20 -22.25 11.91 8.64
CA GLY A 20 -21.46 13.12 8.48
C GLY A 20 -19.98 13.00 8.78
N TYR A 21 -19.43 11.81 8.89
CA TYR A 21 -18.00 11.58 9.12
C TYR A 21 -17.31 11.14 7.82
N THR A 22 -16.55 12.05 7.27
CA THR A 22 -15.86 11.86 5.99
C THR A 22 -14.35 12.08 6.07
N GLY A 23 -13.81 12.16 7.26
CA GLY A 23 -12.38 12.32 7.54
C GLY A 23 -11.87 13.74 7.45
N SER A 24 -12.75 14.70 7.72
CA SER A 24 -12.38 16.12 7.67
C SER A 24 -11.25 16.39 8.67
N ASN A 25 -10.30 17.16 8.21
CA ASN A 25 -9.20 17.64 9.05
C ASN A 25 -8.31 16.51 9.56
N VAL A 26 -8.32 15.38 8.88
CA VAL A 26 -7.40 14.28 9.27
C VAL A 26 -6.31 14.33 8.18
N LYS A 27 -5.07 14.37 8.63
CA LYS A 27 -3.92 14.47 7.72
C LYS A 27 -3.33 13.08 7.47
N VAL A 28 -3.45 12.66 6.22
CA VAL A 28 -2.97 11.34 5.78
C VAL A 28 -1.86 11.49 4.74
N ALA A 29 -0.73 10.88 5.07
CA ALA A 29 0.43 10.88 4.18
C ALA A 29 0.46 9.56 3.39
N VAL A 30 0.41 9.72 2.08
CA VAL A 30 0.52 8.55 1.17
C VAL A 30 2.00 8.53 0.77
N ILE A 31 2.71 7.63 1.41
CA ILE A 31 4.18 7.48 1.15
C ILE A 31 4.30 6.50 -0.02
N ASP A 32 4.56 7.09 -1.17
CA ASP A 32 4.52 6.35 -2.43
C ASP A 32 5.31 7.02 -3.55
N SER A 33 4.81 6.83 -4.75
CA SER A 33 5.37 7.33 -6.00
C SER A 33 4.88 8.71 -6.40
N GLY A 34 4.26 9.43 -5.47
CA GLY A 34 3.72 10.78 -5.73
C GLY A 34 2.22 10.63 -6.00
N ILE A 35 1.56 11.75 -6.24
CA ILE A 35 0.13 11.81 -6.55
C ILE A 35 -0.11 12.87 -7.63
N ASP A 36 -0.84 12.49 -8.66
CA ASP A 36 -1.20 13.43 -9.74
C ASP A 36 -2.22 14.41 -9.14
N SER A 37 -1.71 15.52 -8.64
CA SER A 37 -2.58 16.53 -8.00
C SER A 37 -3.55 17.20 -8.99
N SER A 38 -3.31 16.97 -10.27
CA SER A 38 -4.14 17.60 -11.31
C SER A 38 -5.40 16.77 -11.56
N HIS A 39 -5.48 15.62 -10.91
CA HIS A 39 -6.64 14.73 -11.09
C HIS A 39 -7.89 15.45 -10.56
N PRO A 40 -8.90 15.49 -11.42
CA PRO A 40 -10.16 16.16 -11.11
C PRO A 40 -10.86 15.58 -9.89
N ASP A 41 -10.58 14.33 -9.56
CA ASP A 41 -11.23 13.66 -8.43
C ASP A 41 -10.34 13.59 -7.18
N LEU A 42 -9.32 14.41 -7.14
CA LEU A 42 -8.41 14.42 -5.99
C LEU A 42 -8.15 15.87 -5.57
N LYS A 43 -7.91 16.01 -4.29
CA LYS A 43 -7.51 17.28 -3.67
C LYS A 43 -6.31 16.97 -2.77
N VAL A 44 -5.14 17.37 -3.24
CA VAL A 44 -3.88 17.18 -2.54
C VAL A 44 -3.64 18.40 -1.66
N ALA A 45 -3.39 18.15 -0.39
CA ALA A 45 -3.16 19.21 0.60
C ALA A 45 -1.74 19.76 0.59
N GLY A 46 -0.80 18.91 0.23
CA GLY A 46 0.63 19.28 0.17
C GLY A 46 1.42 17.98 -0.01
N GLY A 47 2.69 18.06 0.33
CA GLY A 47 3.59 16.88 0.22
C GLY A 47 5.03 17.33 0.07
N ALA A 48 5.90 16.34 -0.05
CA ALA A 48 7.35 16.54 -0.19
C ALA A 48 7.93 15.36 -0.97
N SER A 49 8.97 15.60 -1.75
CA SER A 49 9.65 14.54 -2.50
C SER A 49 11.00 14.22 -1.87
N MET A 50 11.23 12.92 -1.74
CA MET A 50 12.47 12.40 -1.18
C MET A 50 13.35 11.77 -2.27
N VAL A 51 12.88 11.76 -3.49
CA VAL A 51 13.63 11.22 -4.64
C VAL A 51 14.48 12.35 -5.25
N PRO A 52 15.79 12.19 -5.11
CA PRO A 52 16.76 13.19 -5.53
C PRO A 52 16.57 13.80 -6.91
N SER A 53 16.32 12.94 -7.88
CA SER A 53 16.17 13.29 -9.29
C SER A 53 14.75 13.65 -9.69
N GLU A 54 13.83 13.55 -8.77
CA GLU A 54 12.41 13.85 -9.04
C GLU A 54 11.82 14.64 -7.88
N THR A 55 11.97 15.95 -8.00
CA THR A 55 11.61 16.92 -6.98
C THR A 55 10.14 17.29 -6.84
N ASN A 56 9.34 17.01 -7.84
CA ASN A 56 7.89 17.33 -7.76
C ASN A 56 7.13 16.08 -7.29
N PRO A 57 6.60 16.19 -6.08
CA PRO A 57 5.83 15.09 -5.49
C PRO A 57 4.43 15.01 -6.09
N PHE A 58 4.03 16.06 -6.80
CA PHE A 58 2.69 16.15 -7.39
C PHE A 58 2.68 15.67 -8.83
N GLN A 59 3.72 14.94 -9.17
CA GLN A 59 3.92 14.38 -10.52
C GLN A 59 4.10 12.87 -10.34
N ASP A 60 3.06 12.11 -10.66
CA ASP A 60 3.06 10.66 -10.54
C ASP A 60 3.38 9.98 -11.88
N ASN A 61 4.65 9.70 -12.08
CA ASN A 61 5.16 9.07 -13.30
C ASN A 61 5.03 7.55 -13.27
N ASN A 62 4.49 7.03 -12.18
CA ASN A 62 4.34 5.58 -12.03
C ASN A 62 2.84 5.25 -12.13
N SER A 63 2.05 5.97 -11.37
CA SER A 63 0.59 5.81 -11.35
C SER A 63 0.08 5.10 -10.09
N HIS A 64 0.98 4.38 -9.47
CA HIS A 64 0.67 3.58 -8.27
C HIS A 64 0.15 4.46 -7.15
N GLY A 65 0.90 5.51 -6.87
CA GLY A 65 0.62 6.50 -5.84
C GLY A 65 -0.74 7.15 -6.03
N THR A 66 -1.04 7.51 -7.27
CA THR A 66 -2.34 8.13 -7.60
C THR A 66 -3.48 7.15 -7.33
N HIS A 67 -3.27 5.90 -7.70
CA HIS A 67 -4.31 4.86 -7.51
C HIS A 67 -4.62 4.71 -6.03
N VAL A 68 -3.55 4.55 -5.24
CA VAL A 68 -3.66 4.37 -3.79
C VAL A 68 -4.34 5.57 -3.12
N ALA A 69 -4.00 6.75 -3.57
CA ALA A 69 -4.53 8.01 -3.05
C ALA A 69 -6.05 8.08 -3.24
N GLY A 70 -6.49 7.62 -4.40
CA GLY A 70 -7.90 7.58 -4.79
C GLY A 70 -8.74 6.73 -3.83
N THR A 71 -8.17 5.62 -3.38
CA THR A 71 -8.87 4.73 -2.43
C THR A 71 -9.04 5.44 -1.09
N VAL A 72 -7.98 6.14 -0.69
CA VAL A 72 -8.01 6.88 0.58
C VAL A 72 -9.05 8.00 0.54
N ALA A 73 -8.98 8.82 -0.50
CA ALA A 73 -9.78 10.05 -0.52
C ALA A 73 -10.29 10.63 -1.82
N ALA A 74 -10.62 9.79 -2.79
CA ALA A 74 -11.22 10.34 -4.04
C ALA A 74 -12.39 11.21 -3.56
N LEU A 75 -12.56 12.34 -4.20
CA LEU A 75 -13.60 13.32 -3.87
C LEU A 75 -15.04 12.85 -4.05
N ASN A 76 -15.87 13.39 -3.17
CA ASN A 76 -17.33 13.16 -3.13
C ASN A 76 -17.96 14.27 -4.00
N ASN A 77 -18.31 13.88 -5.20
CA ASN A 77 -18.88 14.79 -6.20
C ASN A 77 -19.74 13.92 -7.13
N SER A 78 -19.79 14.33 -8.39
CA SER A 78 -20.60 13.59 -9.37
C SER A 78 -19.77 12.98 -10.49
N ILE A 79 -18.49 12.78 -10.22
CA ILE A 79 -17.56 12.19 -11.17
C ILE A 79 -16.74 11.11 -10.47
N GLY A 80 -16.13 10.26 -11.28
CA GLY A 80 -15.23 9.20 -10.87
C GLY A 80 -15.71 8.27 -9.77
N VAL A 81 -14.83 8.12 -8.79
CA VAL A 81 -15.02 7.25 -7.63
C VAL A 81 -15.20 8.09 -6.36
N LEU A 82 -15.12 7.40 -5.24
CA LEU A 82 -15.28 7.94 -3.88
C LEU A 82 -14.28 7.18 -2.99
N GLY A 83 -13.49 7.93 -2.26
CA GLY A 83 -12.48 7.35 -1.36
C GLY A 83 -13.18 7.05 -0.04
N VAL A 84 -12.51 6.26 0.79
CA VAL A 84 -13.03 5.90 2.11
C VAL A 84 -13.24 7.13 2.99
N ALA A 85 -12.37 8.11 2.81
CA ALA A 85 -12.31 9.35 3.59
C ALA A 85 -12.09 10.52 2.63
N PRO A 86 -13.17 10.89 1.94
CA PRO A 86 -13.14 11.90 0.90
C PRO A 86 -12.86 13.33 1.31
N SER A 87 -12.96 13.59 2.60
CA SER A 87 -12.66 14.92 3.16
C SER A 87 -11.29 14.99 3.82
N ALA A 88 -10.52 13.93 3.74
CA ALA A 88 -9.20 13.85 4.37
C ALA A 88 -8.18 14.78 3.71
N SER A 89 -7.23 15.24 4.52
CA SER A 89 -6.13 16.10 4.02
C SER A 89 -5.04 15.15 3.53
N LEU A 90 -4.94 15.09 2.22
CA LEU A 90 -4.01 14.22 1.50
C LEU A 90 -2.66 14.85 1.23
N TYR A 91 -1.62 14.20 1.73
CA TYR A 91 -0.22 14.65 1.54
C TYR A 91 0.53 13.61 0.69
N ALA A 92 1.15 14.12 -0.37
CA ALA A 92 1.91 13.29 -1.30
C ALA A 92 3.38 13.23 -0.89
N VAL A 93 3.81 12.10 -0.37
CA VAL A 93 5.23 11.91 0.02
C VAL A 93 5.81 10.87 -0.94
N LYS A 94 6.50 11.38 -1.93
CA LYS A 94 7.13 10.60 -3.00
C LYS A 94 8.50 10.11 -2.54
N VAL A 95 8.60 8.81 -2.40
CA VAL A 95 9.84 8.14 -1.98
C VAL A 95 10.26 7.10 -3.02
N LEU A 96 9.44 6.98 -4.06
CA LEU A 96 9.69 6.06 -5.16
C LEU A 96 9.80 6.81 -6.49
N GLY A 97 10.76 6.37 -7.28
CA GLY A 97 10.93 6.93 -8.63
C GLY A 97 9.80 6.36 -9.52
N ALA A 98 9.91 6.69 -10.80
CA ALA A 98 8.96 6.28 -11.83
C ALA A 98 8.87 4.76 -11.97
N ASP A 99 9.98 4.09 -11.75
CA ASP A 99 10.08 2.63 -11.88
C ASP A 99 9.45 1.86 -10.72
N GLY A 100 8.90 2.58 -9.77
CA GLY A 100 8.24 1.97 -8.60
C GLY A 100 9.19 1.48 -7.52
N SER A 101 10.42 2.01 -7.54
CA SER A 101 11.41 1.58 -6.52
C SER A 101 12.01 2.80 -5.84
N GLY A 102 12.52 2.57 -4.65
CA GLY A 102 13.17 3.64 -3.85
C GLY A 102 14.17 2.99 -2.90
N GLN A 103 15.20 3.76 -2.59
CA GLN A 103 16.27 3.35 -1.66
C GLN A 103 15.61 3.36 -0.27
N TYR A 104 16.06 2.49 0.60
CA TYR A 104 15.52 2.42 1.97
C TYR A 104 15.56 3.78 2.66
N SER A 105 16.61 4.54 2.40
CA SER A 105 16.82 5.85 3.01
C SER A 105 15.77 6.86 2.56
N TRP A 106 15.36 6.76 1.30
CA TRP A 106 14.30 7.66 0.80
C TRP A 106 12.99 7.42 1.58
N ILE A 107 12.72 6.15 1.84
CA ILE A 107 11.50 5.75 2.56
C ILE A 107 11.54 6.28 3.99
N ILE A 108 12.67 6.09 4.64
CA ILE A 108 12.91 6.53 6.02
C ILE A 108 12.70 8.04 6.13
N ASN A 109 13.31 8.73 5.20
CA ASN A 109 13.26 10.18 5.06
C ASN A 109 11.81 10.67 5.01
N GLY A 110 11.02 9.93 4.25
CA GLY A 110 9.58 10.24 4.10
C GLY A 110 8.84 10.10 5.43
N ILE A 111 9.18 9.05 6.15
CA ILE A 111 8.56 8.78 7.46
C ILE A 111 8.93 9.94 8.38
N GLU A 112 10.20 10.31 8.34
CA GLU A 112 10.70 11.43 9.15
C GLU A 112 9.89 12.69 8.86
N TRP A 113 9.72 12.94 7.56
CA TRP A 113 8.96 14.14 7.14
C TRP A 113 7.56 14.03 7.77
N ALA A 114 6.98 12.85 7.60
CA ALA A 114 5.61 12.57 8.03
C ALA A 114 5.38 12.92 9.49
N ILE A 115 6.33 12.48 10.32
CA ILE A 115 6.30 12.70 11.76
C ILE A 115 6.40 14.19 12.06
N ALA A 116 7.44 14.78 11.50
CA ALA A 116 7.78 16.20 11.72
C ALA A 116 6.66 17.13 11.28
N ASN A 117 5.89 16.69 10.29
CA ASN A 117 4.80 17.52 9.75
C ASN A 117 3.44 17.17 10.32
N ASN A 118 3.43 16.41 11.39
CA ASN A 118 2.22 16.06 12.14
C ASN A 118 1.14 15.28 11.38
N MET A 119 1.56 14.36 10.54
CA MET A 119 0.55 13.53 9.81
C MET A 119 -0.12 12.70 10.91
N ASP A 120 -1.38 12.39 10.71
CA ASP A 120 -2.17 11.59 11.66
C ASP A 120 -2.05 10.10 11.30
N VAL A 121 -2.06 9.89 10.00
CA VAL A 121 -2.01 8.55 9.41
C VAL A 121 -0.98 8.49 8.29
N ILE A 122 -0.29 7.37 8.26
CA ILE A 122 0.71 7.08 7.21
C ILE A 122 0.32 5.78 6.51
N ASN A 123 0.34 5.81 5.20
CA ASN A 123 0.03 4.65 4.36
C ASN A 123 1.30 4.30 3.56
N MET A 124 1.67 3.04 3.68
CA MET A 124 2.84 2.51 2.96
C MET A 124 2.48 1.26 2.16
N SER A 125 2.09 1.53 0.92
CA SER A 125 1.73 0.47 -0.06
C SER A 125 3.01 0.05 -0.77
N LEU A 126 3.96 -0.38 0.07
CA LEU A 126 5.29 -0.78 -0.46
C LEU A 126 5.92 -1.77 0.49
N GLY A 127 7.00 -2.37 0.03
CA GLY A 127 7.69 -3.37 0.85
C GLY A 127 8.97 -3.88 0.19
N GLY A 128 9.78 -4.47 1.05
CA GLY A 128 11.07 -5.08 0.70
C GLY A 128 11.10 -6.40 1.49
N PRO A 129 11.91 -7.32 0.99
CA PRO A 129 12.05 -8.66 1.59
C PRO A 129 12.94 -8.70 2.83
N SER A 130 13.64 -7.62 3.07
CA SER A 130 14.53 -7.51 4.24
C SER A 130 14.26 -6.21 5.01
N GLY A 131 14.54 -6.33 6.30
CA GLY A 131 14.40 -5.21 7.25
C GLY A 131 15.74 -4.46 7.33
N SER A 132 15.72 -3.48 8.18
CA SER A 132 16.87 -2.61 8.50
C SER A 132 16.56 -2.03 9.88
N ALA A 133 17.60 -1.88 10.66
CA ALA A 133 17.52 -1.33 12.02
C ALA A 133 16.92 0.08 11.95
N ALA A 134 17.38 0.81 10.95
CA ALA A 134 16.96 2.18 10.65
C ALA A 134 15.48 2.23 10.23
N LEU A 135 15.07 1.24 9.44
CA LEU A 135 13.66 1.20 8.99
C LEU A 135 12.79 0.94 10.22
N LYS A 136 13.19 -0.06 10.99
CA LYS A 136 12.44 -0.40 12.21
C LYS A 136 12.30 0.82 13.11
N ALA A 137 13.41 1.51 13.29
CA ALA A 137 13.48 2.69 14.16
C ALA A 137 12.55 3.81 13.71
N ALA A 138 12.40 4.01 12.41
CA ALA A 138 11.56 5.08 11.87
C ALA A 138 10.07 4.81 12.12
N VAL A 139 9.68 3.55 11.93
CA VAL A 139 8.25 3.20 12.13
C VAL A 139 7.89 3.24 13.61
N ASP A 140 8.83 2.75 14.40
CA ASP A 140 8.63 2.68 15.87
C ASP A 140 8.47 4.10 16.40
N LYS A 141 9.27 4.97 15.77
CA LYS A 141 9.33 6.38 16.15
C LYS A 141 8.02 7.07 15.79
N ALA A 142 7.50 6.76 14.63
CA ALA A 142 6.20 7.29 14.15
C ALA A 142 5.06 6.95 15.13
N VAL A 143 5.05 5.71 15.58
CA VAL A 143 4.01 5.20 16.49
C VAL A 143 4.18 5.73 17.91
N ALA A 144 5.41 6.00 18.30
CA ALA A 144 5.73 6.52 19.65
C ALA A 144 5.26 7.98 19.70
N SER A 145 5.25 8.59 18.53
CA SER A 145 4.86 9.98 18.32
C SER A 145 3.37 10.17 18.06
N GLY A 146 2.62 9.08 18.03
CA GLY A 146 1.18 9.11 17.87
C GLY A 146 0.58 8.94 16.49
N VAL A 147 1.37 8.45 15.55
CA VAL A 147 0.91 8.26 14.16
C VAL A 147 0.37 6.84 13.98
N VAL A 148 -0.66 6.74 13.16
CA VAL A 148 -1.22 5.42 12.79
C VAL A 148 -0.48 5.04 11.49
N VAL A 149 0.25 3.95 11.55
CA VAL A 149 1.05 3.45 10.43
C VAL A 149 0.46 2.14 9.92
N VAL A 150 0.10 2.18 8.65
CA VAL A 150 -0.50 1.04 7.93
C VAL A 150 0.38 0.74 6.71
N ALA A 151 0.55 -0.53 6.42
CA ALA A 151 1.33 -0.93 5.24
C ALA A 151 0.75 -2.22 4.66
N ALA A 152 1.09 -2.41 3.38
CA ALA A 152 0.69 -3.63 2.65
C ALA A 152 1.51 -4.77 3.26
N ALA A 153 0.85 -5.89 3.48
CA ALA A 153 1.47 -7.09 4.03
C ALA A 153 2.49 -7.70 3.05
N GLY A 154 2.24 -7.49 1.77
CA GLY A 154 3.10 -8.06 0.71
C GLY A 154 2.32 -9.08 -0.12
N ASN A 155 2.88 -9.38 -1.27
CA ASN A 155 2.30 -10.23 -2.31
C ASN A 155 3.07 -11.53 -2.55
N GLU A 156 3.55 -12.15 -1.51
CA GLU A 156 4.36 -13.35 -1.60
C GLU A 156 3.62 -14.66 -1.45
N GLY A 157 2.31 -14.61 -1.30
CA GLY A 157 1.52 -15.84 -1.14
C GLY A 157 1.99 -16.59 0.10
N THR A 158 1.87 -17.91 0.00
CA THR A 158 2.26 -18.82 1.08
C THR A 158 3.57 -19.53 0.76
N SER A 159 4.30 -19.86 1.82
CA SER A 159 5.58 -20.58 1.68
C SER A 159 5.78 -21.54 2.84
N GLY A 160 5.04 -22.63 2.77
CA GLY A 160 5.05 -23.70 3.76
C GLY A 160 4.63 -23.15 5.13
N SER A 161 5.52 -23.36 6.06
CA SER A 161 5.37 -23.01 7.48
C SER A 161 5.82 -21.58 7.81
N SER A 162 6.47 -20.95 6.86
CA SER A 162 7.06 -19.62 7.02
C SER A 162 6.12 -18.46 6.72
N SER A 163 6.40 -17.38 7.46
CA SER A 163 5.70 -16.09 7.29
C SER A 163 6.31 -15.41 6.06
N THR A 164 5.43 -14.90 5.22
CA THR A 164 5.83 -14.25 3.96
C THR A 164 5.52 -12.75 3.96
N VAL A 165 5.31 -12.22 5.14
CA VAL A 165 5.04 -10.77 5.32
C VAL A 165 6.36 -10.02 5.08
N GLY A 166 6.28 -8.93 4.33
CA GLY A 166 7.45 -8.11 4.00
C GLY A 166 7.66 -6.95 4.99
N TYR A 167 8.65 -6.14 4.68
CA TYR A 167 9.00 -4.95 5.46
C TYR A 167 8.51 -3.68 4.77
N PRO A 168 7.97 -2.73 5.52
CA PRO A 168 7.80 -2.73 6.96
C PRO A 168 6.59 -3.39 7.58
N GLY A 169 5.76 -4.05 6.80
CA GLY A 169 4.57 -4.75 7.30
C GLY A 169 4.83 -5.68 8.47
N LYS A 170 5.96 -6.34 8.46
CA LYS A 170 6.41 -7.30 9.45
C LYS A 170 6.56 -6.78 10.87
N TYR A 171 6.88 -5.51 11.01
CA TYR A 171 7.10 -4.88 12.32
C TYR A 171 5.80 -4.76 13.11
N PRO A 172 5.87 -5.16 14.37
CA PRO A 172 4.73 -5.11 15.27
C PRO A 172 4.09 -3.74 15.43
N SER A 173 4.85 -2.69 15.25
CA SER A 173 4.33 -1.32 15.40
C SER A 173 3.43 -0.95 14.23
N VAL A 174 3.51 -1.72 13.15
CA VAL A 174 2.75 -1.46 11.93
C VAL A 174 1.52 -2.35 11.75
N ILE A 175 0.46 -1.76 11.22
CA ILE A 175 -0.74 -2.54 10.87
C ILE A 175 -0.44 -3.08 9.45
N ALA A 176 -0.27 -4.36 9.37
CA ALA A 176 0.03 -5.07 8.10
C ALA A 176 -1.28 -5.58 7.53
N VAL A 177 -1.54 -5.18 6.30
CA VAL A 177 -2.81 -5.46 5.62
C VAL A 177 -2.76 -6.43 4.45
N GLY A 178 -3.60 -7.45 4.55
CA GLY A 178 -3.79 -8.48 3.53
C GLY A 178 -4.95 -8.11 2.60
N ALA A 179 -5.04 -8.88 1.53
CA ALA A 179 -6.02 -8.70 0.47
C ALA A 179 -6.97 -9.89 0.38
N VAL A 180 -8.24 -9.53 0.28
CA VAL A 180 -9.38 -10.40 0.07
C VAL A 180 -10.07 -9.87 -1.20
N ASP A 181 -10.96 -10.68 -1.73
CA ASP A 181 -11.76 -10.30 -2.91
C ASP A 181 -13.15 -9.90 -2.43
N SER A 182 -14.02 -9.62 -3.37
CA SER A 182 -15.39 -9.17 -3.08
C SER A 182 -16.18 -10.23 -2.33
N SER A 183 -15.70 -11.45 -2.31
CA SER A 183 -16.39 -12.56 -1.63
C SER A 183 -15.69 -12.92 -0.32
N ASN A 184 -14.78 -12.05 0.09
CA ASN A 184 -14.06 -12.21 1.35
C ASN A 184 -13.08 -13.38 1.41
N GLN A 185 -12.64 -13.80 0.24
CA GLN A 185 -11.63 -14.88 0.19
C GLN A 185 -10.28 -14.17 0.05
N ARG A 186 -9.30 -14.79 0.68
CA ARG A 186 -7.92 -14.27 0.62
C ARG A 186 -7.45 -14.41 -0.84
N ALA A 187 -6.83 -13.36 -1.36
CA ALA A 187 -6.25 -13.39 -2.71
C ALA A 187 -5.01 -14.30 -2.58
N SER A 188 -4.77 -15.06 -3.62
CA SER A 188 -3.70 -16.06 -3.63
C SER A 188 -2.29 -15.51 -3.43
N PHE A 189 -2.10 -14.26 -3.80
CA PHE A 189 -0.82 -13.56 -3.70
C PHE A 189 -0.55 -12.93 -2.34
N SER A 190 -1.61 -12.81 -1.56
CA SER A 190 -1.56 -12.17 -0.23
C SER A 190 -0.61 -12.90 0.70
N SER A 191 0.41 -12.18 1.15
CA SER A 191 1.42 -12.74 2.09
C SER A 191 0.69 -13.19 3.36
N VAL A 192 1.26 -14.20 4.01
CA VAL A 192 0.70 -14.80 5.22
C VAL A 192 1.73 -14.81 6.35
N GLY A 193 1.26 -15.02 7.57
CA GLY A 193 2.14 -15.10 8.73
C GLY A 193 1.52 -14.51 10.00
N PRO A 194 2.24 -14.70 11.10
CA PRO A 194 1.81 -14.21 12.41
C PRO A 194 1.71 -12.69 12.46
N GLU A 195 2.45 -12.05 11.57
CA GLU A 195 2.53 -10.60 11.48
C GLU A 195 1.41 -9.93 10.70
N LEU A 196 0.59 -10.73 10.03
CA LEU A 196 -0.57 -10.21 9.27
C LEU A 196 -1.60 -9.75 10.31
N ASP A 197 -2.03 -8.51 10.21
CA ASP A 197 -2.99 -7.91 11.16
C ASP A 197 -4.46 -7.96 10.75
N VAL A 198 -4.78 -7.42 9.58
CA VAL A 198 -6.15 -7.35 9.06
C VAL A 198 -6.16 -7.48 7.54
N MET A 199 -7.35 -7.69 7.01
CA MET A 199 -7.63 -7.80 5.59
C MET A 199 -8.54 -6.64 5.14
N ALA A 200 -8.36 -6.29 3.88
CA ALA A 200 -9.16 -5.25 3.21
C ALA A 200 -9.21 -5.66 1.74
N PRO A 201 -10.22 -5.17 1.04
CA PRO A 201 -10.39 -5.47 -0.40
C PRO A 201 -9.13 -5.07 -1.15
N GLY A 202 -8.58 -6.01 -1.92
CA GLY A 202 -7.35 -5.77 -2.68
C GLY A 202 -7.39 -6.36 -4.08
N VAL A 203 -8.58 -6.80 -4.49
CA VAL A 203 -8.75 -7.40 -5.82
C VAL A 203 -9.73 -6.53 -6.63
N SER A 204 -9.31 -6.20 -7.84
CA SER A 204 -10.16 -5.44 -8.77
C SER A 204 -10.58 -4.09 -8.18
N ILE A 205 -9.63 -3.39 -7.59
CA ILE A 205 -9.87 -2.09 -6.96
C ILE A 205 -9.80 -0.95 -7.98
N GLN A 206 -10.98 -0.39 -8.21
CA GLN A 206 -11.19 0.77 -9.09
C GLN A 206 -10.79 2.04 -8.34
N SER A 207 -9.90 2.81 -8.95
CA SER A 207 -9.42 4.07 -8.37
C SER A 207 -8.93 5.01 -9.47
N THR A 208 -8.34 6.10 -9.01
CA THR A 208 -7.83 7.18 -9.86
C THR A 208 -6.48 6.81 -10.45
N LEU A 209 -6.27 7.23 -11.68
CA LEU A 209 -5.03 7.04 -12.43
C LEU A 209 -4.67 8.41 -13.04
N PRO A 210 -3.37 8.62 -13.20
CA PRO A 210 -2.86 9.89 -13.74
C PRO A 210 -3.49 10.25 -15.08
N GLY A 211 -3.62 11.55 -15.28
CA GLY A 211 -4.15 12.17 -16.49
C GLY A 211 -5.65 11.93 -16.65
N ASN A 212 -6.37 12.17 -15.57
CA ASN A 212 -7.82 12.06 -15.52
C ASN A 212 -8.41 10.73 -15.98
N LYS A 213 -7.85 9.64 -15.44
CA LYS A 213 -8.35 8.30 -15.76
C LYS A 213 -8.72 7.58 -14.46
N TYR A 214 -9.29 6.41 -14.68
CA TYR A 214 -9.71 5.48 -13.62
C TYR A 214 -9.34 4.07 -14.09
N GLY A 215 -9.07 3.19 -13.14
CA GLY A 215 -8.67 1.81 -13.46
C GLY A 215 -8.60 0.96 -12.20
N ALA A 216 -8.61 -0.34 -12.42
CA ALA A 216 -8.58 -1.33 -11.34
C ALA A 216 -7.21 -1.97 -11.24
N TYR A 217 -6.73 -2.10 -10.01
CA TYR A 217 -5.46 -2.76 -9.70
C TYR A 217 -5.77 -3.83 -8.65
N ASN A 218 -4.81 -4.72 -8.51
CA ASN A 218 -4.81 -5.83 -7.56
C ASN A 218 -3.49 -5.70 -6.75
N GLY A 219 -3.56 -6.07 -5.49
CA GLY A 219 -2.36 -6.04 -4.65
C GLY A 219 -2.71 -5.69 -3.21
N THR A 220 -1.79 -6.06 -2.33
CA THR A 220 -1.95 -5.71 -0.91
C THR A 220 -1.79 -4.19 -0.83
N SER A 221 -1.24 -3.63 -1.90
CA SER A 221 -1.08 -2.19 -2.08
C SER A 221 -2.45 -1.49 -2.02
N MET A 222 -3.41 -2.14 -2.62
CA MET A 222 -4.79 -1.67 -2.74
C MET A 222 -5.58 -1.86 -1.46
N ALA A 223 -5.26 -2.89 -0.72
CA ALA A 223 -5.91 -3.20 0.57
C ALA A 223 -5.56 -2.15 1.62
N SER A 224 -4.28 -1.83 1.71
CA SER A 224 -3.70 -0.87 2.66
C SER A 224 -4.46 0.44 2.82
N PRO A 225 -4.63 1.16 1.73
CA PRO A 225 -5.35 2.45 1.71
C PRO A 225 -6.76 2.38 2.25
N HIS A 226 -7.35 1.19 2.25
CA HIS A 226 -8.72 1.03 2.77
C HIS A 226 -8.66 1.25 4.28
N VAL A 227 -7.61 0.68 4.87
CA VAL A 227 -7.41 0.75 6.33
C VAL A 227 -6.93 2.13 6.74
N ALA A 228 -6.13 2.74 5.89
CA ALA A 228 -5.60 4.09 6.12
C ALA A 228 -6.79 5.05 6.18
N GLY A 229 -7.65 4.88 5.19
CA GLY A 229 -8.89 5.65 5.05
C GLY A 229 -9.81 5.48 6.25
N ALA A 230 -9.98 4.25 6.69
CA ALA A 230 -10.82 3.90 7.85
C ALA A 230 -10.34 4.60 9.12
N ALA A 231 -9.03 4.55 9.35
CA ALA A 231 -8.40 5.22 10.49
C ALA A 231 -8.75 6.71 10.51
N ALA A 232 -8.74 7.30 9.34
CA ALA A 232 -9.07 8.73 9.13
C ALA A 232 -10.53 8.99 9.51
N LEU A 233 -11.41 8.08 9.10
CA LEU A 233 -12.83 8.18 9.45
C LEU A 233 -13.03 8.10 10.97
N ILE A 234 -12.34 7.16 11.59
CA ILE A 234 -12.44 7.01 13.06
C ILE A 234 -11.98 8.29 13.75
N LEU A 235 -10.90 8.88 13.26
CA LEU A 235 -10.33 10.09 13.87
C LEU A 235 -11.22 11.31 13.64
N SER A 236 -11.99 11.26 12.56
CA SER A 236 -12.96 12.33 12.24
C SER A 236 -14.14 12.30 13.20
N LYS A 237 -14.47 11.12 13.68
CA LYS A 237 -15.52 10.88 14.66
C LYS A 237 -14.98 11.06 16.08
N HIS A 238 -13.78 10.54 16.32
CA HIS A 238 -13.11 10.60 17.62
C HIS A 238 -11.72 11.22 17.50
N PRO A 239 -11.70 12.54 17.42
CA PRO A 239 -10.46 13.30 17.25
C PRO A 239 -9.51 13.14 18.43
N ASN A 240 -10.05 12.71 19.55
CA ASN A 240 -9.25 12.56 20.78
C ASN A 240 -8.72 11.18 21.05
N TRP A 241 -9.01 10.22 20.20
CA TRP A 241 -8.48 8.85 20.34
C TRP A 241 -6.99 8.85 19.99
N THR A 242 -6.26 7.98 20.70
CA THR A 242 -4.82 7.83 20.41
C THR A 242 -4.68 6.82 19.26
N ASN A 243 -3.50 6.74 18.70
CA ASN A 243 -3.20 5.80 17.61
C ASN A 243 -3.50 4.38 18.10
N THR A 244 -3.21 4.17 19.37
CA THR A 244 -3.40 2.88 20.05
C THR A 244 -4.88 2.51 20.08
N GLN A 245 -5.69 3.52 20.36
CA GLN A 245 -7.15 3.34 20.45
C GLN A 245 -7.70 3.07 19.04
N VAL A 246 -7.18 3.82 18.09
CA VAL A 246 -7.60 3.63 16.68
C VAL A 246 -7.32 2.20 16.23
N ARG A 247 -6.07 1.79 16.39
CA ARG A 247 -5.63 0.45 15.99
C ARG A 247 -6.48 -0.64 16.63
N SER A 248 -6.68 -0.49 17.93
CA SER A 248 -7.44 -1.47 18.72
C SER A 248 -8.86 -1.65 18.21
N SER A 249 -9.52 -0.52 17.99
CA SER A 249 -10.91 -0.53 17.51
C SER A 249 -11.05 -1.26 16.18
N LEU A 250 -10.08 -1.02 15.31
CA LEU A 250 -10.01 -1.63 13.98
C LEU A 250 -9.79 -3.14 14.11
N GLN A 251 -8.90 -3.52 15.03
CA GLN A 251 -8.58 -4.94 15.20
C GLN A 251 -9.60 -5.76 15.96
N ASN A 252 -10.28 -5.13 16.92
CA ASN A 252 -11.27 -5.79 17.77
C ASN A 252 -12.69 -5.86 17.20
N THR A 253 -12.96 -5.23 16.09
CA THR A 253 -14.31 -5.20 15.52
C THR A 253 -14.45 -5.77 14.11
N THR A 254 -13.45 -6.55 13.73
CA THR A 254 -13.40 -7.19 12.41
C THR A 254 -14.44 -8.32 12.33
N THR A 255 -14.69 -8.69 11.08
CA THR A 255 -15.51 -9.85 10.75
C THR A 255 -14.49 -10.99 10.60
N LYS A 256 -14.67 -12.02 11.41
CA LYS A 256 -13.75 -13.17 11.36
C LYS A 256 -13.92 -13.85 10.01
N LEU A 257 -12.80 -14.13 9.38
CA LEU A 257 -12.80 -14.76 8.05
C LEU A 257 -12.18 -16.15 8.04
N GLY A 258 -11.45 -16.49 9.08
CA GLY A 258 -10.77 -17.79 9.14
C GLY A 258 -9.47 -17.68 9.90
N ASP A 259 -8.63 -18.70 9.74
CA ASP A 259 -7.35 -18.80 10.46
C ASP A 259 -6.53 -17.52 10.29
N SER A 260 -6.14 -16.99 11.43
CA SER A 260 -5.36 -15.76 11.55
C SER A 260 -4.04 -15.78 10.79
N PHE A 261 -3.50 -16.97 10.59
CA PHE A 261 -2.23 -17.13 9.86
C PHE A 261 -2.45 -16.58 8.45
N TYR A 262 -3.63 -16.86 7.93
CA TYR A 262 -4.05 -16.43 6.59
C TYR A 262 -4.84 -15.13 6.58
N TYR A 263 -5.55 -14.86 7.66
CA TYR A 263 -6.45 -13.70 7.70
C TYR A 263 -6.25 -12.67 8.78
N GLY A 264 -5.25 -12.84 9.63
CA GLY A 264 -5.07 -11.88 10.76
C GLY A 264 -6.43 -11.92 11.49
N LYS A 265 -6.87 -10.76 11.93
CA LYS A 265 -8.14 -10.62 12.64
C LYS A 265 -9.40 -10.70 11.78
N GLY A 266 -9.26 -10.52 10.49
CA GLY A 266 -10.40 -10.61 9.55
C GLY A 266 -10.53 -9.28 8.81
N LEU A 267 -11.67 -9.09 8.19
CA LEU A 267 -12.02 -7.89 7.43
C LEU A 267 -12.40 -6.75 8.38
N ILE A 268 -11.85 -5.59 8.12
CA ILE A 268 -12.17 -4.40 8.94
C ILE A 268 -13.62 -3.99 8.70
N ASN A 269 -14.18 -3.36 9.72
CA ASN A 269 -15.55 -2.83 9.72
C ASN A 269 -15.46 -1.46 10.40
N VAL A 270 -15.34 -0.44 9.58
CA VAL A 270 -15.17 0.92 10.07
C VAL A 270 -16.41 1.40 10.82
N GLN A 271 -17.57 0.97 10.37
CA GLN A 271 -18.82 1.34 11.04
C GLN A 271 -18.75 0.78 12.47
N ALA A 272 -18.43 -0.49 12.59
CA ALA A 272 -18.32 -1.12 13.92
C ALA A 272 -17.19 -0.47 14.70
N ALA A 273 -16.02 -0.31 14.07
CA ALA A 273 -14.86 0.26 14.74
C ALA A 273 -15.04 1.68 15.26
N ALA A 274 -15.83 2.46 14.55
CA ALA A 274 -16.06 3.87 14.91
C ALA A 274 -17.04 4.01 16.07
N GLN A 275 -17.75 2.94 16.36
CA GLN A 275 -18.72 2.89 17.45
C GLN A 275 -18.16 3.68 18.65
N LEU B 20 3.64 -23.48 -15.60
CA LEU B 20 3.41 -22.62 -14.43
C LEU B 20 4.68 -22.33 -13.63
N LYS B 21 5.70 -21.91 -14.37
CA LYS B 21 7.00 -21.54 -13.80
C LYS B 21 6.92 -20.08 -13.37
N THR B 22 6.92 -19.86 -12.07
CA THR B 22 6.81 -18.52 -11.50
C THR B 22 8.05 -17.98 -10.82
N GLU B 23 9.12 -18.76 -10.75
CA GLU B 23 10.38 -18.32 -10.16
C GLU B 23 11.55 -18.96 -10.91
N TRP B 24 12.67 -18.25 -10.88
CA TRP B 24 13.90 -18.62 -11.58
C TRP B 24 15.15 -18.55 -10.69
N PRO B 25 15.24 -19.49 -9.77
CA PRO B 25 16.37 -19.59 -8.84
C PRO B 25 17.71 -19.71 -9.57
N GLU B 26 17.66 -20.45 -10.67
CA GLU B 26 18.81 -20.74 -11.51
C GLU B 26 19.50 -19.50 -12.07
N LEU B 27 18.81 -18.38 -12.14
CA LEU B 27 19.33 -17.15 -12.74
C LEU B 27 20.16 -16.23 -11.86
N VAL B 28 20.07 -16.39 -10.55
CA VAL B 28 20.90 -15.53 -9.66
C VAL B 28 22.35 -15.68 -10.12
N GLY B 29 23.00 -14.53 -10.24
CA GLY B 29 24.41 -14.46 -10.67
C GLY B 29 24.56 -14.28 -12.17
N LYS B 30 23.52 -14.62 -12.91
CA LYS B 30 23.51 -14.48 -14.38
C LYS B 30 23.44 -12.98 -14.70
N SER B 31 23.86 -12.65 -15.90
CA SER B 31 23.81 -11.26 -16.38
C SER B 31 22.34 -10.97 -16.79
N VAL B 32 22.02 -9.70 -16.87
CA VAL B 32 20.68 -9.27 -17.24
C VAL B 32 20.25 -9.90 -18.57
N GLU B 33 21.11 -9.74 -19.57
CA GLU B 33 20.82 -10.21 -20.93
C GLU B 33 20.52 -11.70 -20.94
N GLU B 34 21.29 -12.44 -20.16
CA GLU B 34 21.13 -13.90 -20.07
C GLU B 34 19.78 -14.23 -19.43
N ALA B 35 19.51 -13.53 -18.34
CA ALA B 35 18.28 -13.69 -17.57
C ALA B 35 17.04 -13.52 -18.46
N LYS B 36 17.01 -12.43 -19.19
CA LYS B 36 15.89 -12.09 -20.08
C LYS B 36 15.54 -13.21 -21.05
N LYS B 37 16.55 -13.87 -21.57
CA LYS B 37 16.37 -14.97 -22.53
C LYS B 37 15.74 -16.21 -21.92
N VAL B 38 16.18 -16.58 -20.72
CA VAL B 38 15.61 -17.74 -20.04
C VAL B 38 14.14 -17.46 -19.71
N ILE B 39 13.90 -16.28 -19.14
CA ILE B 39 12.54 -15.89 -18.75
C ILE B 39 11.56 -15.94 -19.92
N LEU B 40 11.90 -15.21 -20.96
CA LEU B 40 11.06 -15.13 -22.17
C LEU B 40 10.77 -16.49 -22.75
N GLN B 41 11.70 -17.40 -22.53
CA GLN B 41 11.60 -18.81 -22.96
C GLN B 41 10.56 -19.53 -22.11
N ASP B 42 10.59 -19.25 -20.81
CA ASP B 42 9.68 -19.90 -19.85
C ASP B 42 8.30 -19.25 -19.80
N LYS B 43 8.30 -17.95 -19.97
CA LYS B 43 7.09 -17.10 -19.87
C LYS B 43 7.19 -16.03 -20.95
N PRO B 44 6.82 -16.44 -22.16
CA PRO B 44 6.90 -15.57 -23.34
C PRO B 44 6.19 -14.24 -23.19
N GLU B 45 5.13 -14.20 -22.41
CA GLU B 45 4.37 -12.96 -22.24
C GLU B 45 4.89 -12.04 -21.15
N ALA B 46 5.98 -12.43 -20.51
CA ALA B 46 6.57 -11.67 -19.41
C ALA B 46 6.94 -10.25 -19.78
N GLN B 47 6.65 -9.35 -18.85
CA GLN B 47 7.00 -7.92 -18.96
C GLN B 47 8.09 -7.65 -17.92
N ILE B 48 9.31 -7.63 -18.43
CA ILE B 48 10.50 -7.50 -17.59
C ILE B 48 10.85 -6.05 -17.27
N ILE B 49 11.25 -5.88 -16.02
CA ILE B 49 11.69 -4.60 -15.47
C ILE B 49 12.91 -4.84 -14.59
N VAL B 50 13.94 -4.03 -14.84
CA VAL B 50 15.21 -4.12 -14.12
C VAL B 50 15.26 -2.98 -13.09
N LEU B 51 15.54 -3.37 -11.87
CA LEU B 51 15.63 -2.46 -10.71
C LEU B 51 16.89 -2.79 -9.91
N PRO B 52 17.35 -1.80 -9.16
CA PRO B 52 18.52 -1.97 -8.30
C PRO B 52 18.19 -2.88 -7.12
N VAL B 53 19.14 -3.75 -6.80
CA VAL B 53 18.94 -4.66 -5.65
C VAL B 53 18.89 -3.78 -4.40
N GLY B 54 18.27 -4.29 -3.35
CA GLY B 54 18.16 -3.63 -2.06
C GLY B 54 17.21 -2.45 -2.01
N THR B 55 16.17 -2.49 -2.85
CA THR B 55 15.19 -1.39 -2.89
C THR B 55 13.82 -1.83 -2.38
N ILE B 56 13.05 -0.82 -2.00
CA ILE B 56 11.65 -0.97 -1.57
C ILE B 56 10.84 -0.76 -2.86
N VAL B 57 9.80 -1.55 -3.05
CA VAL B 57 8.98 -1.42 -4.28
C VAL B 57 7.48 -1.40 -3.97
N THR B 58 6.72 -1.00 -4.98
CA THR B 58 5.25 -0.97 -4.91
C THR B 58 4.69 -2.38 -4.75
N MET B 59 3.58 -2.47 -4.04
CA MET B 59 2.92 -3.73 -3.71
C MET B 59 1.67 -4.06 -4.52
N GLU B 60 1.66 -3.64 -5.79
CA GLU B 60 0.54 -4.01 -6.70
C GLU B 60 1.01 -5.31 -7.34
N TYR B 61 0.09 -6.19 -7.62
CA TYR B 61 0.41 -7.51 -8.22
C TYR B 61 0.02 -7.53 -9.70
N ARG B 62 1.03 -7.74 -10.51
CA ARG B 62 0.89 -7.83 -11.98
C ARG B 62 1.32 -9.23 -12.39
N ILE B 63 0.36 -10.00 -12.86
CA ILE B 63 0.56 -11.41 -13.22
C ILE B 63 1.60 -11.70 -14.28
N ASP B 64 1.83 -10.77 -15.17
CA ASP B 64 2.79 -10.96 -16.27
C ASP B 64 4.12 -10.23 -16.12
N ARG B 65 4.29 -9.56 -15.01
CA ARG B 65 5.52 -8.81 -14.72
C ARG B 65 6.58 -9.68 -14.04
N VAL B 66 7.82 -9.41 -14.41
CA VAL B 66 8.98 -10.05 -13.78
C VAL B 66 10.01 -8.96 -13.45
N ARG B 67 10.10 -8.70 -12.14
CA ARG B 67 11.10 -7.73 -11.66
C ARG B 67 12.44 -8.45 -11.47
N LEU B 68 13.47 -7.85 -12.04
CA LEU B 68 14.85 -8.33 -11.92
C LEU B 68 15.64 -7.31 -11.07
N PHE B 69 16.14 -7.79 -9.94
CA PHE B 69 16.94 -6.94 -9.02
C PHE B 69 18.40 -7.26 -9.31
N VAL B 70 19.16 -6.24 -9.70
CA VAL B 70 20.58 -6.41 -10.04
C VAL B 70 21.54 -5.65 -9.12
N ASP B 71 22.76 -6.19 -9.12
CA ASP B 71 23.89 -5.61 -8.37
C ASP B 71 24.58 -4.59 -9.31
N LYS B 72 25.61 -4.00 -8.77
CA LYS B 72 26.43 -3.01 -9.48
C LYS B 72 27.07 -3.62 -10.74
N LEU B 73 26.98 -4.93 -10.87
CA LEU B 73 27.58 -5.64 -12.01
C LEU B 73 26.58 -6.01 -13.09
N ASP B 74 25.32 -5.77 -12.83
CA ASP B 74 24.22 -6.11 -13.74
C ASP B 74 23.98 -7.61 -13.79
N ASN B 75 24.20 -8.23 -12.66
CA ASN B 75 23.96 -9.68 -12.47
C ASN B 75 22.72 -9.74 -11.56
N ILE B 76 21.89 -10.73 -11.80
CA ILE B 76 20.69 -10.95 -10.97
C ILE B 76 21.13 -11.15 -9.52
N ALA B 77 20.59 -10.35 -8.62
CA ALA B 77 20.98 -10.44 -7.20
C ALA B 77 20.00 -11.16 -6.29
N GLU B 78 18.80 -11.36 -6.78
CA GLU B 78 17.71 -12.04 -6.06
C GLU B 78 16.93 -12.91 -7.06
N VAL B 79 16.30 -13.92 -6.50
CA VAL B 79 15.47 -14.84 -7.31
C VAL B 79 14.33 -14.08 -7.99
N PRO B 80 14.40 -14.08 -9.31
CA PRO B 80 13.31 -13.47 -10.11
C PRO B 80 12.05 -14.28 -9.90
N ARG B 81 10.94 -13.60 -9.69
CA ARG B 81 9.63 -14.26 -9.58
C ARG B 81 8.56 -13.30 -10.12
N VAL B 82 7.49 -13.91 -10.59
CA VAL B 82 6.35 -13.19 -11.18
C VAL B 82 5.58 -12.38 -10.14
N GLY B 83 5.10 -11.23 -10.56
CA GLY B 83 4.28 -10.35 -9.73
C GLY B 83 4.55 -8.86 -9.86
CA CA C . -15.70 11.48 -7.14
CA CA D . 2.60 -6.17 11.85
#